data_4F84
#
_entry.id   4F84
#
_cell.length_a   147.942
_cell.length_b   147.942
_cell.length_c   66.467
_cell.angle_alpha   90.00
_cell.angle_beta   90.00
_cell.angle_gamma   120.00
#
_symmetry.space_group_name_H-M   'P 63 2 2'
#
loop_
_entity.id
_entity.type
_entity.pdbx_description
1 polymer 'Geranyl diphosphate 2-C-methyltransferase'
2 non-polymer S-ADENOSYLMETHIONINE
3 water water
#
_entity_poly.entity_id   1
_entity_poly.type   'polypeptide(L)'
_entity_poly.pdbx_seq_one_letter_code
;MGSSHHHHHHSSGLVPRGSHMAAASAPVPGPGGASSTARGRIPAPATPYQEDIARYWNNEARPVNLRLGDVDGLYHHHYG
IGAVDHAALGDPGDGGYEARLIAELHRLESAQAEFLLDHLGPVGPGDTLVDAGCGRGGSMVMAHQRFGCKVEGVTLSAAQ
AEFGNRRARELGIDDHVRSRVCNMLDTPFEKGTVAASWNNESSMYVDLHDVFAEHSRFLRVGGRYVTVTGCWNPRYGQPS
KWVSQINAHFECNIHSRREYLRAMADNRLVPQTVVDLTPETLPYWELRATSSLVTGIEEAFIESYRDGSFQYVLIAADRV
;
_entity_poly.pdbx_strand_id   A
#
loop_
_chem_comp.id
_chem_comp.type
_chem_comp.name
_chem_comp.formula
SAM non-polymer S-ADENOSYLMETHIONINE 'C15 H22 N6 O5 S'
#
# COMPACT_ATOMS: atom_id res chain seq x y z
N GLY A 73 10.22 -6.23 3.56
CA GLY A 73 9.83 -7.40 2.69
C GLY A 73 10.84 -7.63 1.59
N LEU A 74 10.60 -8.61 0.71
CA LEU A 74 11.52 -8.93 -0.38
C LEU A 74 11.28 -8.20 -1.70
N TYR A 75 10.02 -8.02 -2.04
CA TYR A 75 9.67 -7.32 -3.26
C TYR A 75 8.66 -6.24 -2.87
N HIS A 76 7.44 -6.65 -2.57
CA HIS A 76 6.40 -5.71 -2.14
C HIS A 76 6.78 -5.25 -0.73
N HIS A 77 6.60 -3.96 -0.46
CA HIS A 77 6.91 -3.42 0.85
C HIS A 77 5.66 -3.41 1.72
N HIS A 78 4.51 -3.63 1.09
CA HIS A 78 3.24 -3.63 1.82
C HIS A 78 2.95 -4.97 2.52
N TYR A 79 1.80 -5.04 3.17
CA TYR A 79 1.40 -6.25 3.88
C TYR A 79 0.36 -7.01 3.05
N GLY A 80 0.03 -8.24 3.44
CA GLY A 80 -0.91 -9.03 2.65
C GLY A 80 -2.28 -9.33 3.22
N ILE A 81 -3.10 -10.04 2.44
CA ILE A 81 -4.45 -10.41 2.86
C ILE A 81 -4.80 -11.80 2.32
N GLY A 82 -5.66 -12.50 3.04
CA GLY A 82 -6.09 -13.81 2.60
C GLY A 82 -5.66 -14.93 3.53
N ALA A 83 -6.40 -16.04 3.46
CA ALA A 83 -6.12 -17.21 4.29
C ALA A 83 -4.76 -17.83 3.94
N VAL A 84 -4.01 -18.23 4.96
CA VAL A 84 -2.70 -18.82 4.78
C VAL A 84 -2.83 -20.24 4.22
N ASP A 85 -1.93 -20.59 3.29
CA ASP A 85 -1.92 -21.93 2.69
C ASP A 85 -1.02 -22.81 3.57
N HIS A 86 -1.58 -23.32 4.67
CA HIS A 86 -0.80 -24.15 5.58
C HIS A 86 -0.28 -25.43 4.93
N ALA A 87 -1.02 -25.93 3.95
CA ALA A 87 -0.61 -27.14 3.26
C ALA A 87 0.74 -26.94 2.57
N ALA A 88 0.90 -25.81 1.88
CA ALA A 88 2.15 -25.53 1.20
C ALA A 88 3.27 -25.19 2.16
N LEU A 89 2.91 -24.84 3.40
CA LEU A 89 3.89 -24.50 4.42
C LEU A 89 4.60 -25.75 4.93
N GLY A 90 3.90 -26.89 4.88
CA GLY A 90 4.47 -28.14 5.31
C GLY A 90 4.96 -28.24 6.74
N ASP A 91 5.95 -29.09 6.96
CA ASP A 91 6.51 -29.31 8.29
C ASP A 91 7.48 -28.21 8.73
N PRO A 92 7.17 -27.54 9.86
CA PRO A 92 8.06 -26.47 10.35
C PRO A 92 9.39 -27.07 10.81
N GLY A 93 9.55 -28.37 10.58
CA GLY A 93 10.77 -29.05 10.95
C GLY A 93 11.71 -29.13 9.77
N ASP A 94 11.17 -28.94 8.57
CA ASP A 94 11.98 -28.97 7.36
C ASP A 94 12.95 -27.78 7.43
N GLY A 95 14.05 -27.88 6.70
CA GLY A 95 14.99 -26.79 6.69
C GLY A 95 14.39 -25.72 5.82
N GLY A 96 13.75 -26.18 4.73
CA GLY A 96 13.12 -25.29 3.76
C GLY A 96 11.84 -24.61 4.19
N TYR A 97 11.48 -24.76 5.47
CA TYR A 97 10.26 -24.12 5.97
C TYR A 97 10.39 -22.61 5.94
N GLU A 98 11.45 -22.09 6.57
CA GLU A 98 11.65 -20.64 6.62
C GLU A 98 11.67 -20.03 5.22
N ALA A 99 11.91 -20.85 4.22
CA ALA A 99 11.92 -20.39 2.84
C ALA A 99 10.49 -20.41 2.34
N ARG A 100 9.82 -21.53 2.57
CA ARG A 100 8.44 -21.71 2.16
C ARG A 100 7.55 -20.67 2.82
N LEU A 101 8.01 -20.09 3.92
CA LEU A 101 7.24 -19.06 4.60
C LEU A 101 7.37 -17.75 3.81
N ILE A 102 8.60 -17.38 3.45
CA ILE A 102 8.80 -16.16 2.68
C ILE A 102 7.97 -16.18 1.41
N ALA A 103 7.91 -17.34 0.76
CA ALA A 103 7.14 -17.47 -0.47
C ALA A 103 5.66 -17.22 -0.21
N GLU A 104 5.18 -17.68 0.95
CA GLU A 104 3.78 -17.52 1.34
C GLU A 104 3.47 -16.05 1.61
N LEU A 105 4.36 -15.40 2.36
CA LEU A 105 4.21 -14.00 2.69
C LEU A 105 4.07 -13.22 1.39
N HIS A 106 4.93 -13.54 0.43
CA HIS A 106 4.90 -12.87 -0.87
C HIS A 106 3.55 -13.07 -1.52
N ARG A 107 3.06 -14.30 -1.53
CA ARG A 107 1.77 -14.63 -2.15
C ARG A 107 0.64 -13.77 -1.59
N LEU A 108 0.61 -13.61 -0.27
CA LEU A 108 -0.40 -12.82 0.40
C LEU A 108 -0.25 -11.34 0.06
N GLU A 109 1.00 -10.89 -0.09
CA GLU A 109 1.24 -9.49 -0.43
C GLU A 109 0.82 -9.21 -1.87
N SER A 110 1.13 -10.12 -2.77
CA SER A 110 0.74 -9.95 -4.17
C SER A 110 -0.78 -9.91 -4.22
N ALA A 111 -1.42 -10.75 -3.43
CA ALA A 111 -2.88 -10.81 -3.40
C ALA A 111 -3.50 -9.49 -2.95
N GLN A 112 -2.88 -8.80 -2.01
CA GLN A 112 -3.50 -7.55 -1.59
C GLN A 112 -3.27 -6.47 -2.65
N ALA A 113 -2.12 -6.49 -3.31
CA ALA A 113 -1.84 -5.51 -4.35
C ALA A 113 -2.80 -5.75 -5.51
N GLU A 114 -3.14 -7.01 -5.73
CA GLU A 114 -4.05 -7.39 -6.79
C GLU A 114 -5.41 -6.84 -6.40
N PHE A 115 -5.70 -6.87 -5.10
CA PHE A 115 -6.97 -6.37 -4.58
C PHE A 115 -7.08 -4.84 -4.71
N LEU A 116 -5.97 -4.14 -4.52
CA LEU A 116 -5.98 -2.69 -4.63
C LEU A 116 -6.25 -2.33 -6.10
N LEU A 117 -5.71 -3.13 -7.01
CA LEU A 117 -5.90 -2.89 -8.44
C LEU A 117 -7.38 -3.04 -8.81
N ASP A 118 -8.05 -4.03 -8.21
CA ASP A 118 -9.48 -4.25 -8.49
C ASP A 118 -10.28 -2.96 -8.27
N HIS A 119 -9.74 -2.03 -7.47
CA HIS A 119 -10.44 -0.79 -7.16
C HIS A 119 -10.04 0.46 -7.95
N LEU A 120 -9.25 0.30 -9.00
CA LEU A 120 -8.82 1.45 -9.80
C LEU A 120 -9.82 1.74 -10.92
N GLY A 121 -10.87 0.93 -11.00
CA GLY A 121 -11.87 1.14 -12.04
C GLY A 121 -11.33 0.60 -13.34
N PRO A 122 -11.93 0.97 -14.48
CA PRO A 122 -11.44 0.47 -15.76
C PRO A 122 -10.37 1.33 -16.42
N VAL A 123 -9.12 1.24 -15.97
CA VAL A 123 -8.06 2.02 -16.57
C VAL A 123 -7.67 1.42 -17.92
N GLY A 124 -7.60 2.28 -18.94
CA GLY A 124 -7.26 1.83 -20.27
C GLY A 124 -5.78 1.99 -20.62
N PRO A 125 -5.32 1.36 -21.71
CA PRO A 125 -3.92 1.40 -22.17
C PRO A 125 -3.34 2.81 -22.33
N GLY A 126 -4.20 3.79 -22.58
CA GLY A 126 -3.75 5.16 -22.78
C GLY A 126 -3.68 6.00 -21.51
N ASP A 127 -4.11 5.43 -20.39
CA ASP A 127 -4.09 6.15 -19.11
C ASP A 127 -2.72 6.19 -18.47
N THR A 128 -2.54 7.15 -17.56
CA THR A 128 -1.29 7.28 -16.82
C THR A 128 -1.66 7.11 -15.35
N LEU A 129 -1.04 6.11 -14.72
CA LEU A 129 -1.27 5.80 -13.32
C LEU A 129 -0.12 6.29 -12.46
N VAL A 130 -0.42 6.70 -11.24
CA VAL A 130 0.62 7.14 -10.33
C VAL A 130 0.58 6.37 -9.03
N ASP A 131 1.77 6.06 -8.53
CA ASP A 131 1.93 5.33 -7.28
C ASP A 131 2.76 6.22 -6.34
N ALA A 132 2.09 6.81 -5.35
CA ALA A 132 2.78 7.69 -4.40
C ALA A 132 3.39 6.82 -3.31
N GLY A 133 4.72 6.86 -3.19
CA GLY A 133 5.43 6.03 -2.21
C GLY A 133 5.36 4.64 -2.82
N CYS A 134 6.09 4.44 -3.91
CA CYS A 134 6.05 3.20 -4.66
C CYS A 134 6.94 2.04 -4.24
N GLY A 135 7.83 2.26 -3.28
CA GLY A 135 8.71 1.19 -2.84
C GLY A 135 9.58 0.64 -3.97
N ARG A 136 9.50 -0.65 -4.21
CA ARG A 136 10.31 -1.24 -5.27
C ARG A 136 9.60 -1.43 -6.61
N GLY A 137 8.42 -0.84 -6.74
CA GLY A 137 7.68 -0.90 -7.99
C GLY A 137 6.81 -2.12 -8.24
N GLY A 138 6.71 -2.99 -7.24
CA GLY A 138 5.89 -4.19 -7.39
C GLY A 138 4.47 -3.90 -7.81
N SER A 139 3.87 -2.87 -7.23
CA SER A 139 2.50 -2.51 -7.56
C SER A 139 2.40 -1.88 -8.96
N MET A 140 3.45 -1.17 -9.36
CA MET A 140 3.48 -0.54 -10.69
C MET A 140 3.59 -1.61 -11.77
N VAL A 141 4.52 -2.55 -11.61
CA VAL A 141 4.68 -3.61 -12.60
C VAL A 141 3.37 -4.38 -12.73
N MET A 142 2.70 -4.64 -11.61
CA MET A 142 1.44 -5.38 -11.62
C MET A 142 0.33 -4.60 -12.32
N ALA A 143 0.31 -3.29 -12.11
CA ALA A 143 -0.69 -2.44 -12.73
C ALA A 143 -0.53 -2.47 -14.24
N HIS A 144 0.72 -2.41 -14.71
CA HIS A 144 0.98 -2.43 -16.14
C HIS A 144 0.68 -3.77 -16.83
N GLN A 145 1.03 -4.87 -16.19
CA GLN A 145 0.78 -6.17 -16.80
C GLN A 145 -0.70 -6.45 -16.90
N ARG A 146 -1.46 -5.77 -16.05
CA ARG A 146 -2.89 -5.95 -16.04
C ARG A 146 -3.65 -5.00 -16.95
N PHE A 147 -3.29 -3.71 -16.92
CA PHE A 147 -3.99 -2.70 -17.73
C PHE A 147 -3.35 -2.29 -19.05
N GLY A 148 -2.03 -2.38 -19.15
CA GLY A 148 -1.35 -2.00 -20.37
C GLY A 148 -1.00 -0.53 -20.40
N CYS A 149 -1.42 0.20 -19.37
CA CYS A 149 -1.18 1.64 -19.28
C CYS A 149 0.23 2.03 -18.88
N LYS A 150 0.43 3.34 -18.77
CA LYS A 150 1.72 3.92 -18.37
C LYS A 150 1.64 4.10 -16.86
N VAL A 151 2.72 3.79 -16.14
CA VAL A 151 2.71 3.94 -14.69
C VAL A 151 3.94 4.67 -14.16
N GLU A 152 3.70 5.80 -13.50
CA GLU A 152 4.77 6.60 -12.94
C GLU A 152 4.83 6.37 -11.44
N GLY A 153 6.02 6.09 -10.93
CA GLY A 153 6.16 5.88 -9.51
C GLY A 153 6.95 7.00 -8.88
N VAL A 154 6.81 7.17 -7.57
CA VAL A 154 7.52 8.20 -6.83
C VAL A 154 7.92 7.73 -5.41
N THR A 155 9.17 8.02 -5.02
CA THR A 155 9.68 7.66 -3.70
C THR A 155 10.83 8.57 -3.31
N LEU A 156 11.22 8.45 -2.05
CA LEU A 156 12.32 9.25 -1.54
C LEU A 156 13.63 8.48 -1.68
N SER A 157 13.55 7.16 -1.81
CA SER A 157 14.74 6.32 -1.91
C SER A 157 15.32 6.14 -3.32
N ALA A 158 16.54 6.62 -3.52
CA ALA A 158 17.21 6.50 -4.81
C ALA A 158 17.45 5.02 -5.10
N ALA A 159 17.88 4.28 -4.07
CA ALA A 159 18.15 2.86 -4.24
C ALA A 159 16.89 2.13 -4.69
N GLN A 160 15.74 2.56 -4.20
CA GLN A 160 14.46 1.94 -4.57
C GLN A 160 14.03 2.28 -6.00
N ALA A 161 14.29 3.52 -6.42
CA ALA A 161 13.94 3.94 -7.76
C ALA A 161 14.76 3.08 -8.73
N GLU A 162 16.09 3.13 -8.58
CA GLU A 162 17.01 2.36 -9.41
C GLU A 162 16.58 0.92 -9.51
N PHE A 163 16.13 0.37 -8.39
CA PHE A 163 15.68 -1.02 -8.38
C PHE A 163 14.45 -1.22 -9.25
N GLY A 164 13.43 -0.41 -9.04
CA GLY A 164 12.21 -0.53 -9.82
C GLY A 164 12.44 -0.41 -11.32
N ASN A 165 13.30 0.52 -11.72
CA ASN A 165 13.59 0.74 -13.13
C ASN A 165 14.38 -0.41 -13.71
N ARG A 166 15.36 -0.88 -12.95
CA ARG A 166 16.20 -1.98 -13.38
C ARG A 166 15.28 -3.16 -13.71
N ARG A 167 14.33 -3.41 -12.82
CA ARG A 167 13.37 -4.49 -12.98
C ARG A 167 12.50 -4.28 -14.20
N ALA A 168 12.22 -3.02 -14.51
CA ALA A 168 11.39 -2.70 -15.67
C ALA A 168 12.15 -2.96 -16.97
N ARG A 169 13.40 -2.51 -17.02
CA ARG A 169 14.23 -2.72 -18.20
C ARG A 169 14.28 -4.22 -18.48
N GLU A 170 14.52 -5.00 -17.43
CA GLU A 170 14.60 -6.45 -17.57
C GLU A 170 13.30 -7.05 -18.09
N LEU A 171 12.17 -6.52 -17.64
CA LEU A 171 10.87 -7.02 -18.10
C LEU A 171 10.53 -6.47 -19.49
N GLY A 172 11.35 -5.56 -20.00
CA GLY A 172 11.10 -4.99 -21.31
C GLY A 172 9.89 -4.06 -21.30
N ILE A 173 9.63 -3.46 -20.15
CA ILE A 173 8.50 -2.55 -20.02
C ILE A 173 8.89 -1.20 -19.40
N ASP A 174 10.18 -0.85 -19.45
CA ASP A 174 10.60 0.43 -18.90
C ASP A 174 10.15 1.61 -19.78
N ASP A 175 9.40 1.30 -20.83
CA ASP A 175 8.87 2.29 -21.75
C ASP A 175 7.43 2.61 -21.32
N HIS A 176 7.03 2.10 -20.16
CA HIS A 176 5.69 2.31 -19.62
C HIS A 176 5.77 2.56 -18.11
N VAL A 177 6.67 1.82 -17.47
CA VAL A 177 6.87 1.90 -16.02
C VAL A 177 8.19 2.56 -15.61
N ARG A 178 8.10 3.57 -14.77
CA ARG A 178 9.28 4.27 -14.28
C ARG A 178 9.11 4.79 -12.86
N SER A 179 10.19 4.72 -12.07
CA SER A 179 10.19 5.20 -10.70
C SER A 179 11.18 6.35 -10.65
N ARG A 180 10.95 7.32 -9.79
CA ARG A 180 11.87 8.45 -9.69
C ARG A 180 11.93 8.97 -8.25
N VAL A 181 13.03 9.62 -7.89
CA VAL A 181 13.15 10.16 -6.55
C VAL A 181 12.41 11.49 -6.55
N CYS A 182 11.30 11.55 -5.82
CA CYS A 182 10.49 12.75 -5.75
C CYS A 182 9.52 12.63 -4.57
N ASN A 183 9.33 13.72 -3.84
CA ASN A 183 8.43 13.70 -2.71
C ASN A 183 6.98 13.75 -3.20
N MET A 184 6.15 12.82 -2.72
CA MET A 184 4.75 12.74 -3.13
C MET A 184 3.93 14.00 -2.85
N LEU A 185 4.48 14.92 -2.08
CA LEU A 185 3.76 16.16 -1.79
C LEU A 185 3.99 17.21 -2.88
N ASP A 186 5.11 17.11 -3.58
CA ASP A 186 5.44 18.06 -4.65
C ASP A 186 5.84 17.29 -5.91
N THR A 187 4.84 16.77 -6.60
CA THR A 187 5.02 15.97 -7.80
C THR A 187 5.10 16.80 -9.10
N PRO A 188 5.74 16.25 -10.14
CA PRO A 188 5.89 16.92 -11.44
C PRO A 188 4.75 16.71 -12.43
N PHE A 189 3.78 15.87 -12.07
CA PHE A 189 2.65 15.57 -12.95
C PHE A 189 1.73 16.78 -13.12
N GLU A 190 1.29 17.00 -14.35
CA GLU A 190 0.41 18.13 -14.64
C GLU A 190 -1.00 17.97 -14.14
N LYS A 191 -1.62 19.10 -13.80
CA LYS A 191 -2.98 19.10 -13.31
C LYS A 191 -3.94 18.32 -14.22
N GLY A 192 -4.72 17.43 -13.62
CA GLY A 192 -5.70 16.64 -14.35
C GLY A 192 -5.26 15.66 -15.43
N THR A 193 -4.03 15.14 -15.35
CA THR A 193 -3.55 14.22 -16.37
C THR A 193 -3.47 12.76 -15.95
N VAL A 194 -3.61 12.50 -14.65
CA VAL A 194 -3.55 11.14 -14.13
C VAL A 194 -4.96 10.54 -14.02
N ALA A 195 -5.11 9.30 -14.49
CA ALA A 195 -6.40 8.59 -14.45
C ALA A 195 -6.69 7.96 -13.09
N ALA A 196 -5.67 7.38 -12.47
CA ALA A 196 -5.85 6.77 -11.16
C ALA A 196 -4.50 6.72 -10.48
N SER A 197 -4.51 6.84 -9.16
CA SER A 197 -3.28 6.81 -8.37
C SER A 197 -3.58 6.13 -7.04
N TRP A 198 -2.54 5.80 -6.29
CA TRP A 198 -2.73 5.13 -5.01
C TRP A 198 -1.58 5.32 -4.04
N ASN A 199 -1.85 5.01 -2.78
CA ASN A 199 -0.89 5.05 -1.67
C ASN A 199 -1.03 3.69 -1.02
N ASN A 200 -0.06 2.80 -1.24
CA ASN A 200 -0.13 1.47 -0.65
C ASN A 200 0.82 1.40 0.51
N GLU A 201 0.30 1.65 1.71
CA GLU A 201 1.08 1.62 2.94
C GLU A 201 2.08 2.75 3.04
N SER A 202 1.81 3.87 2.40
CA SER A 202 2.75 4.98 2.49
C SER A 202 2.14 6.28 2.95
N SER A 203 0.82 6.33 3.11
CA SER A 203 0.22 7.58 3.55
C SER A 203 0.53 7.82 5.03
N MET A 204 0.99 6.79 5.72
CA MET A 204 1.33 6.91 7.13
C MET A 204 2.62 7.69 7.35
N TYR A 205 3.20 8.19 6.27
CA TYR A 205 4.45 8.95 6.36
C TYR A 205 4.30 10.43 6.02
N VAL A 206 3.10 10.88 5.69
CA VAL A 206 2.90 12.28 5.31
C VAL A 206 1.60 12.88 5.80
N ASP A 207 1.58 14.21 5.89
CA ASP A 207 0.36 14.90 6.28
C ASP A 207 -0.70 14.48 5.25
N LEU A 208 -1.87 14.09 5.74
CA LEU A 208 -2.94 13.62 4.87
C LEU A 208 -3.57 14.68 3.98
N HIS A 209 -3.80 15.86 4.54
CA HIS A 209 -4.41 16.93 3.75
C HIS A 209 -3.54 17.27 2.55
N ASP A 210 -2.23 17.36 2.77
CA ASP A 210 -1.31 17.70 1.69
C ASP A 210 -1.10 16.63 0.64
N VAL A 211 -1.10 15.36 1.03
CA VAL A 211 -0.91 14.35 0.01
C VAL A 211 -2.19 14.18 -0.83
N PHE A 212 -3.36 14.33 -0.21
CA PHE A 212 -4.61 14.20 -0.93
C PHE A 212 -4.89 15.41 -1.81
N ALA A 213 -4.40 16.58 -1.39
CA ALA A 213 -4.56 17.79 -2.20
C ALA A 213 -3.72 17.61 -3.47
N GLU A 214 -2.56 16.97 -3.31
CA GLU A 214 -1.68 16.74 -4.44
C GLU A 214 -2.25 15.73 -5.44
N HIS A 215 -2.81 14.64 -4.93
CA HIS A 215 -3.43 13.61 -5.77
C HIS A 215 -4.60 14.25 -6.51
N SER A 216 -5.35 15.08 -5.79
CA SER A 216 -6.52 15.74 -6.35
C SER A 216 -6.12 16.67 -7.49
N ARG A 217 -4.98 17.35 -7.33
CA ARG A 217 -4.50 18.25 -8.35
C ARG A 217 -4.15 17.50 -9.61
N PHE A 218 -3.22 16.54 -9.55
CA PHE A 218 -2.86 15.84 -10.77
C PHE A 218 -3.86 14.79 -11.25
N LEU A 219 -4.94 14.63 -10.50
CA LEU A 219 -5.95 13.64 -10.86
C LEU A 219 -7.00 14.24 -11.78
N ARG A 220 -7.34 13.51 -12.83
CA ARG A 220 -8.36 13.95 -13.77
C ARG A 220 -9.72 13.93 -13.08
N VAL A 221 -10.61 14.84 -13.46
CA VAL A 221 -11.94 14.86 -12.88
C VAL A 221 -12.62 13.55 -13.25
N GLY A 222 -13.05 12.79 -12.25
CA GLY A 222 -13.65 11.50 -12.53
C GLY A 222 -12.61 10.41 -12.31
N GLY A 223 -11.38 10.83 -12.03
CA GLY A 223 -10.30 9.89 -11.77
C GLY A 223 -10.55 9.08 -10.51
N ARG A 224 -9.69 8.10 -10.24
CA ARG A 224 -9.89 7.23 -9.07
C ARG A 224 -8.65 7.13 -8.20
N TYR A 225 -8.85 7.33 -6.90
CA TYR A 225 -7.76 7.25 -5.93
C TYR A 225 -8.04 6.07 -5.02
N VAL A 226 -6.99 5.34 -4.67
CA VAL A 226 -7.14 4.23 -3.76
C VAL A 226 -6.01 4.27 -2.74
N THR A 227 -6.33 3.92 -1.50
CA THR A 227 -5.31 3.85 -0.48
C THR A 227 -5.55 2.65 0.42
N VAL A 228 -4.51 1.86 0.65
CA VAL A 228 -4.62 0.72 1.53
C VAL A 228 -3.69 1.13 2.65
N THR A 229 -4.20 1.18 3.87
CA THR A 229 -3.35 1.64 4.95
C THR A 229 -3.77 1.24 6.35
N GLY A 230 -2.85 1.35 7.29
CA GLY A 230 -3.17 1.06 8.68
C GLY A 230 -3.59 2.40 9.31
N CYS A 231 -4.70 2.42 10.05
CA CYS A 231 -5.15 3.65 10.70
C CYS A 231 -5.71 3.34 12.08
N TRP A 232 -5.44 4.21 13.06
CA TRP A 232 -5.97 3.96 14.39
C TRP A 232 -7.44 4.30 14.40
N ASN A 233 -8.21 3.47 15.09
CA ASN A 233 -9.65 3.65 15.13
C ASN A 233 -10.05 4.65 16.20
N PRO A 234 -10.68 5.76 15.78
CA PRO A 234 -11.15 6.84 16.66
C PRO A 234 -12.33 6.41 17.53
N ARG A 235 -12.92 5.27 17.19
CA ARG A 235 -14.06 4.75 17.93
C ARG A 235 -13.60 4.42 19.34
N TYR A 236 -12.30 4.23 19.51
CA TYR A 236 -11.74 3.89 20.81
C TYR A 236 -10.90 5.03 21.38
N GLY A 237 -11.22 6.26 20.99
CA GLY A 237 -10.48 7.42 21.48
C GLY A 237 -9.04 7.45 21.01
N GLN A 238 -8.19 8.20 21.71
CA GLN A 238 -6.78 8.36 21.36
C GLN A 238 -6.03 7.10 20.89
N PRO A 239 -4.89 7.29 20.23
CA PRO A 239 -4.07 6.19 19.72
C PRO A 239 -3.59 5.29 20.85
N SER A 240 -3.75 3.97 20.71
CA SER A 240 -3.30 3.04 21.74
C SER A 240 -1.78 2.97 21.70
N LYS A 241 -1.18 2.42 22.75
CA LYS A 241 0.27 2.33 22.80
C LYS A 241 0.77 1.51 21.62
N TRP A 242 0.03 0.48 21.24
CA TRP A 242 0.42 -0.36 20.12
C TRP A 242 0.74 0.49 18.88
N VAL A 243 -0.20 1.35 18.49
CA VAL A 243 -0.05 2.25 17.35
C VAL A 243 1.23 3.10 17.50
N SER A 244 1.47 3.59 18.71
CA SER A 244 2.66 4.39 18.99
C SER A 244 3.94 3.55 18.84
N GLN A 245 3.90 2.30 19.26
CA GLN A 245 5.07 1.44 19.13
C GLN A 245 5.39 1.25 17.66
N ILE A 246 4.36 1.04 16.85
CA ILE A 246 4.57 0.88 15.43
C ILE A 246 5.15 2.20 14.89
N ASN A 247 4.54 3.33 15.25
CA ASN A 247 5.04 4.63 14.76
C ASN A 247 6.55 4.75 15.06
N ALA A 248 6.93 4.44 16.29
CA ALA A 248 8.33 4.53 16.68
C ALA A 248 9.20 3.57 15.88
N HIS A 249 8.68 2.38 15.61
CA HIS A 249 9.42 1.36 14.86
C HIS A 249 9.76 1.81 13.44
N PHE A 250 8.79 2.39 12.75
CA PHE A 250 8.98 2.85 11.37
C PHE A 250 9.22 4.35 11.26
N GLU A 251 9.24 5.05 12.39
CA GLU A 251 9.42 6.49 12.37
C GLU A 251 8.35 7.08 11.42
N CYS A 252 7.11 6.63 11.59
CA CYS A 252 5.98 7.11 10.78
C CYS A 252 4.98 7.76 11.72
N ASN A 253 3.87 8.23 11.16
CA ASN A 253 2.85 8.91 11.95
C ASN A 253 1.44 8.45 11.59
N ILE A 254 1.12 7.23 11.99
CA ILE A 254 -0.18 6.63 11.74
C ILE A 254 -1.35 7.58 12.05
N HIS A 255 -2.25 7.75 11.08
CA HIS A 255 -3.40 8.63 11.21
C HIS A 255 -4.66 7.87 11.65
N SER A 256 -5.70 8.63 12.00
CA SER A 256 -6.96 8.04 12.43
C SER A 256 -7.91 7.95 11.23
N ARG A 257 -8.82 6.99 11.25
CA ARG A 257 -9.76 6.82 10.15
C ARG A 257 -10.51 8.13 9.96
N ARG A 258 -10.71 8.86 11.06
CA ARG A 258 -11.40 10.13 10.99
C ARG A 258 -10.61 11.10 10.10
N GLU A 259 -9.30 11.18 10.34
CA GLU A 259 -8.42 12.05 9.57
C GLU A 259 -8.40 11.66 8.09
N TYR A 260 -8.44 10.36 7.81
CA TYR A 260 -8.45 9.89 6.42
C TYR A 260 -9.70 10.39 5.69
N LEU A 261 -10.87 10.09 6.25
CA LEU A 261 -12.14 10.53 5.67
C LEU A 261 -12.30 12.05 5.62
N ARG A 262 -11.75 12.74 6.62
CA ARG A 262 -11.84 14.20 6.69
C ARG A 262 -11.05 14.85 5.57
N ALA A 263 -9.79 14.45 5.47
CA ALA A 263 -8.91 14.99 4.45
C ALA A 263 -9.47 14.73 3.05
N MET A 264 -9.98 13.53 2.82
CA MET A 264 -10.54 13.23 1.50
C MET A 264 -11.67 14.20 1.17
N ALA A 265 -12.58 14.44 2.12
CA ALA A 265 -13.70 15.35 1.86
C ALA A 265 -13.24 16.78 1.59
N ASP A 266 -12.20 17.24 2.29
CA ASP A 266 -11.71 18.61 2.09
C ASP A 266 -10.88 18.76 0.81
N ASN A 267 -10.64 17.63 0.13
CA ASN A 267 -9.84 17.66 -1.09
C ASN A 267 -10.51 17.08 -2.33
N ARG A 268 -11.83 17.18 -2.38
CA ARG A 268 -12.62 16.71 -3.52
C ARG A 268 -12.45 15.23 -3.86
N LEU A 269 -12.16 14.41 -2.85
CA LEU A 269 -12.04 12.98 -3.02
C LEU A 269 -13.24 12.36 -2.30
N VAL A 270 -14.11 11.68 -3.05
CA VAL A 270 -15.31 11.08 -2.47
C VAL A 270 -15.29 9.54 -2.48
N PRO A 271 -15.13 8.91 -1.30
CA PRO A 271 -15.08 7.44 -1.13
C PRO A 271 -16.25 6.71 -1.81
N GLN A 272 -15.90 5.71 -2.62
CA GLN A 272 -16.86 4.88 -3.35
C GLN A 272 -16.94 3.53 -2.63
N THR A 273 -15.81 3.14 -2.05
CA THR A 273 -15.69 1.90 -1.31
C THR A 273 -14.82 2.10 -0.08
N VAL A 274 -15.31 1.66 1.08
CA VAL A 274 -14.55 1.73 2.32
C VAL A 274 -14.74 0.33 2.89
N VAL A 275 -13.64 -0.39 3.09
CA VAL A 275 -13.75 -1.75 3.62
C VAL A 275 -12.66 -2.04 4.61
N ASP A 276 -13.05 -2.52 5.79
CA ASP A 276 -12.09 -2.87 6.83
C ASP A 276 -11.53 -4.22 6.41
N LEU A 277 -10.21 -4.30 6.26
CA LEU A 277 -9.58 -5.54 5.86
C LEU A 277 -8.83 -6.23 7.00
N THR A 278 -8.95 -5.70 8.21
CA THR A 278 -8.24 -6.26 9.34
C THR A 278 -8.37 -7.79 9.49
N PRO A 279 -9.57 -8.33 9.24
CA PRO A 279 -9.67 -9.79 9.37
C PRO A 279 -8.86 -10.55 8.30
N GLU A 280 -8.78 -9.98 7.10
CA GLU A 280 -8.04 -10.61 6.01
C GLU A 280 -6.52 -10.47 6.14
N THR A 281 -6.06 -9.48 6.90
CA THR A 281 -4.63 -9.27 7.06
C THR A 281 -4.09 -9.93 8.34
N LEU A 282 -4.99 -10.35 9.23
CA LEU A 282 -4.56 -10.95 10.48
C LEU A 282 -3.74 -12.24 10.28
N PRO A 283 -4.20 -13.15 9.39
CA PRO A 283 -3.45 -14.40 9.17
C PRO A 283 -2.03 -14.07 8.71
N TYR A 284 -1.92 -13.04 7.88
CA TYR A 284 -0.64 -12.58 7.37
C TYR A 284 0.32 -12.32 8.53
N TRP A 285 -0.10 -11.47 9.47
CA TRP A 285 0.75 -11.14 10.62
C TRP A 285 0.98 -12.27 11.63
N GLU A 286 0.00 -13.17 11.77
CA GLU A 286 0.18 -14.26 12.71
C GLU A 286 1.24 -15.21 12.16
N LEU A 287 1.21 -15.44 10.86
CA LEU A 287 2.19 -16.31 10.21
C LEU A 287 3.57 -15.67 10.27
N ARG A 288 3.60 -14.35 10.14
CA ARG A 288 4.85 -13.62 10.18
C ARG A 288 5.50 -13.64 11.56
N ALA A 289 4.68 -13.61 12.60
CA ALA A 289 5.17 -13.61 13.97
C ALA A 289 5.84 -14.92 14.35
N THR A 290 5.72 -15.92 13.49
CA THR A 290 6.30 -17.23 13.76
C THR A 290 7.57 -17.48 12.95
N SER A 291 8.25 -16.42 12.54
CA SER A 291 9.44 -16.61 11.75
C SER A 291 10.71 -16.14 12.43
N SER A 292 11.81 -16.34 11.72
CA SER A 292 13.14 -15.96 12.18
C SER A 292 13.32 -14.47 11.96
N LEU A 293 12.96 -14.01 10.75
CA LEU A 293 13.06 -12.62 10.34
C LEU A 293 12.28 -11.64 11.20
N VAL A 294 11.45 -12.16 12.11
CA VAL A 294 10.64 -11.34 13.00
C VAL A 294 11.46 -10.14 13.50
N THR A 295 10.84 -8.97 13.58
CA THR A 295 11.54 -7.77 14.06
C THR A 295 11.07 -7.31 15.43
N GLY A 296 10.08 -8.00 15.99
CA GLY A 296 9.57 -7.64 17.30
C GLY A 296 8.35 -6.74 17.23
N ILE A 297 8.05 -6.21 16.05
CA ILE A 297 6.92 -5.32 15.88
C ILE A 297 5.64 -6.07 15.57
N GLU A 298 5.73 -7.34 15.18
CA GLU A 298 4.53 -8.09 14.84
C GLU A 298 3.57 -8.23 16.01
N GLU A 299 4.09 -8.12 17.23
CA GLU A 299 3.25 -8.20 18.41
C GLU A 299 2.29 -7.00 18.41
N ALA A 300 2.85 -5.80 18.22
CA ALA A 300 2.05 -4.56 18.19
C ALA A 300 0.91 -4.66 17.16
N PHE A 301 1.22 -5.17 15.98
CA PHE A 301 0.22 -5.31 14.94
C PHE A 301 -0.91 -6.25 15.33
N ILE A 302 -0.54 -7.45 15.78
CA ILE A 302 -1.53 -8.45 16.15
C ILE A 302 -2.45 -8.04 17.29
N GLU A 303 -1.89 -7.46 18.35
CA GLU A 303 -2.69 -7.03 19.49
C GLU A 303 -3.62 -5.87 19.15
N SER A 304 -3.07 -4.84 18.52
CA SER A 304 -3.87 -3.68 18.17
C SER A 304 -4.97 -4.04 17.17
N TYR A 305 -4.69 -4.98 16.26
CA TYR A 305 -5.70 -5.40 15.29
C TYR A 305 -6.79 -6.19 16.02
N ARG A 306 -6.41 -6.88 17.09
CA ARG A 306 -7.36 -7.64 17.86
C ARG A 306 -8.18 -6.79 18.83
N ASP A 307 -7.56 -5.88 19.57
CA ASP A 307 -8.38 -5.10 20.47
C ASP A 307 -9.13 -4.00 19.74
N GLY A 308 -8.84 -3.87 18.45
CA GLY A 308 -9.52 -2.90 17.61
C GLY A 308 -9.02 -1.47 17.61
N SER A 309 -7.90 -1.18 18.27
CA SER A 309 -7.40 0.20 18.28
C SER A 309 -6.69 0.58 16.97
N PHE A 310 -6.21 -0.43 16.24
CA PHE A 310 -5.53 -0.26 14.97
C PHE A 310 -6.34 -1.05 13.93
N GLN A 311 -6.40 -0.57 12.68
CA GLN A 311 -7.17 -1.28 11.66
C GLN A 311 -6.62 -1.09 10.25
N TYR A 312 -6.74 -2.14 9.45
CA TYR A 312 -6.25 -2.12 8.08
C TYR A 312 -7.44 -1.87 7.15
N VAL A 313 -7.38 -0.81 6.36
CA VAL A 313 -8.51 -0.52 5.49
C VAL A 313 -8.12 -0.17 4.07
N LEU A 314 -9.11 -0.22 3.19
CA LEU A 314 -8.97 0.12 1.79
C LEU A 314 -10.03 1.20 1.53
N ILE A 315 -9.62 2.30 0.90
CA ILE A 315 -10.56 3.36 0.57
C ILE A 315 -10.39 3.72 -0.89
N ALA A 316 -11.41 3.45 -1.69
CA ALA A 316 -11.37 3.81 -3.10
C ALA A 316 -12.24 5.05 -3.22
N ALA A 317 -11.74 6.11 -3.84
CA ALA A 317 -12.52 7.34 -3.97
C ALA A 317 -12.47 7.97 -5.35
N ASP A 318 -13.51 8.75 -5.68
CA ASP A 318 -13.58 9.44 -6.97
C ASP A 318 -13.20 10.93 -6.80
N ARG A 319 -12.43 11.45 -7.76
CA ARG A 319 -12.02 12.86 -7.73
C ARG A 319 -13.16 13.60 -8.41
N VAL A 320 -14.04 14.17 -7.57
CA VAL A 320 -15.21 14.89 -8.04
C VAL A 320 -14.92 16.37 -8.24
SD SAM B . 6.47 2.77 2.76
CE SAM B . 8.03 3.45 3.42
C5' SAM B . 6.93 2.73 1.01
C4' SAM B . 7.56 4.00 0.41
O4' SAM B . 7.08 5.24 0.87
C3' SAM B . 9.09 4.07 0.32
O3' SAM B . 9.41 3.84 -1.05
C2' SAM B . 9.37 5.51 0.72
O2' SAM B . 10.42 6.05 -0.05
C1' SAM B . 8.04 6.18 0.45
N9 SAM B . 7.80 7.54 1.02
C8 SAM B . 7.63 7.89 2.32
N7 SAM B . 7.42 9.23 2.38
C5 SAM B . 7.46 9.73 1.13
C6 SAM B . 7.31 11.01 0.62
N6 SAM B . 7.10 12.04 1.43
N1 SAM B . 7.40 11.23 -0.75
C2 SAM B . 7.62 10.16 -1.60
N3 SAM B . 7.77 8.89 -1.08
C4 SAM B . 7.69 8.68 0.27
#